data_3V66
#
_entry.id   3V66
#
_cell.length_a   87.438
_cell.length_b   60.144
_cell.length_c   85.797
_cell.angle_alpha   90.00
_cell.angle_beta   117.14
_cell.angle_gamma   90.00
#
_symmetry.space_group_name_H-M   'C 1 2 1'
#
loop_
_entity.id
_entity.type
_entity.pdbx_description
1 polymer 'Squalene synthase'
2 non-polymer 'PHOSPHATE ION'
3 non-polymer '(1-{[(4R,6S)-8-chloro-6-(2,3-dimethoxyphenyl)-4H,6H-pyrrolo[1,2-a][4,1]benzoxazepin-4-yl]acetyl}piperidin-4-yl)acetic acid'
4 water water
#
_entity_poly.entity_id   1
_entity_poly.type   'polypeptide(L)'
_entity_poly.pdbx_seq_one_letter_code
;MDQDSLSSSLKTCYKYLNQTSRSFAAVIQALDGEMRNAVCIFYLVLRALDTLEDDMTISVEKKVPLLHNFHSFLYQPDWR
FMESKEKDRQVLEDFPTISLEFRNLAEKYQTVIADICRRMGIGMAEFLDKHVTSEQEWDKYCHYVAGLVGIGLSRLFSAS
EFEDPLVGEDTERANSMGLFLQKTNIIRDYLEDQQGGREFWPQEVWSRYVKKLGDFAKPENIDLAVQCLNELITNALHHI
PDVITYLSRLRNQSVFNFCAIPQVMAIATLAACYNNQQVFKGAVKIRKGQAVTLMMDATNMPAVKAIIYQYMEEIYHRIP
DSDPSSSKTRQIISTIRTQN
;
_entity_poly.pdbx_strand_id   A
#
loop_
_chem_comp.id
_chem_comp.type
_chem_comp.name
_chem_comp.formula
D3A non-polymer '(1-{[(4R,6S)-8-chloro-6-(2,3-dimethoxyphenyl)-4H,6H-pyrrolo[1,2-a][4,1]benzoxazepin-4-yl]acetyl}piperidin-4-yl)acetic acid' 'C29 H31 Cl N2 O6'
PO4 non-polymer 'PHOSPHATE ION' 'O4 P -3'
#
# COMPACT_ATOMS: atom_id res chain seq x y z
N LEU A 6 -21.75 20.39 -6.46
CA LEU A 6 -21.42 19.43 -5.36
C LEU A 6 -21.87 20.00 -4.02
N SER A 7 -22.46 19.14 -3.18
CA SER A 7 -22.82 19.53 -1.82
C SER A 7 -21.63 20.09 -1.07
N SER A 8 -21.90 20.87 -0.01
CA SER A 8 -20.81 21.39 0.83
C SER A 8 -19.99 20.24 1.39
N SER A 9 -20.67 19.18 1.82
CA SER A 9 -20.02 18.04 2.46
C SER A 9 -19.09 17.32 1.49
N LEU A 10 -19.55 17.09 0.25
CA LEU A 10 -18.67 16.45 -0.73
C LEU A 10 -17.50 17.36 -1.14
N LYS A 11 -17.72 18.68 -1.22
CA LYS A 11 -16.59 19.59 -1.46
C LYS A 11 -15.51 19.47 -0.40
N THR A 12 -15.94 19.40 0.87
CA THR A 12 -15.03 19.19 1.99
C THR A 12 -14.27 17.86 1.84
N CYS A 13 -14.98 16.80 1.47
CA CYS A 13 -14.28 15.52 1.24
C CYS A 13 -13.15 15.69 0.23
N TYR A 14 -13.40 16.30 -0.92
CA TYR A 14 -12.33 16.44 -1.95
C TYR A 14 -11.17 17.34 -1.52
N LYS A 15 -11.48 18.37 -0.74
CA LYS A 15 -10.43 19.13 -0.04
C LYS A 15 -9.54 18.23 0.84
N TYR A 16 -10.14 17.37 1.66
CA TYR A 16 -9.35 16.42 2.48
C TYR A 16 -8.56 15.47 1.61
N LEU A 17 -9.13 15.07 0.47
CA LEU A 17 -8.43 14.16 -0.45
C LEU A 17 -7.16 14.85 -0.97
N ASN A 18 -7.27 16.12 -1.35
CA ASN A 18 -6.10 16.88 -1.80
C ASN A 18 -5.06 17.16 -0.71
N GLN A 19 -5.55 17.35 0.51
CA GLN A 19 -4.66 17.56 1.63
C GLN A 19 -3.92 16.27 1.97
N THR A 20 -4.61 15.14 1.86
CA THR A 20 -4.08 13.85 2.32
C THR A 20 -3.34 13.03 1.27
N SER A 21 -3.72 13.14 0.00
CA SER A 21 -3.10 12.34 -1.05
C SER A 21 -2.25 13.15 -2.05
N ARG A 22 -2.34 14.47 -1.95
CA ARG A 22 -1.48 15.38 -2.71
C ARG A 22 -1.67 15.22 -4.23
N SER A 23 -0.60 14.85 -4.94
CA SER A 23 -0.65 14.70 -6.40
C SER A 23 -1.43 13.45 -6.80
N PHE A 24 -1.76 12.61 -5.84
CA PHE A 24 -2.53 11.42 -6.15
C PHE A 24 -4.00 11.73 -6.27
N ALA A 25 -4.44 12.83 -5.66
CA ALA A 25 -5.85 13.24 -5.74
C ALA A 25 -6.32 13.43 -7.17
N ALA A 26 -5.44 13.93 -8.03
CA ALA A 26 -5.80 14.22 -9.41
C ALA A 26 -6.15 12.91 -10.15
N VAL A 27 -5.45 11.83 -9.82
CA VAL A 27 -5.67 10.55 -10.49
C VAL A 27 -7.02 10.00 -10.07
N ILE A 28 -7.34 10.18 -8.81
CA ILE A 28 -8.63 9.73 -8.28
C ILE A 28 -9.77 10.58 -8.86
N GLN A 29 -9.51 11.88 -8.99
CA GLN A 29 -10.54 12.78 -9.52
C GLN A 29 -10.83 12.52 -10.99
N ALA A 30 -9.93 11.80 -11.67
CA ALA A 30 -10.10 11.42 -13.07
C ALA A 30 -10.91 10.13 -13.30
N LEU A 31 -11.22 9.39 -12.23
CA LEU A 31 -12.01 8.15 -12.34
C LEU A 31 -13.40 8.42 -12.93
N ASP A 32 -13.85 7.54 -13.82
CA ASP A 32 -15.13 7.72 -14.50
C ASP A 32 -16.34 7.55 -13.58
N GLY A 33 -17.38 8.35 -13.82
CA GLY A 33 -18.73 8.10 -13.28
C GLY A 33 -18.74 7.93 -11.77
N GLU A 34 -19.53 6.99 -11.27
CA GLU A 34 -19.67 6.77 -9.83
C GLU A 34 -18.41 6.31 -9.09
N MET A 35 -17.40 5.84 -9.83
CA MET A 35 -16.16 5.39 -9.22
C MET A 35 -15.44 6.55 -8.50
N ARG A 36 -15.53 7.74 -9.06
CA ARG A 36 -14.86 8.91 -8.52
C ARG A 36 -15.20 9.11 -7.03
N ASN A 37 -16.46 9.41 -6.73
CA ASN A 37 -16.88 9.60 -5.30
C ASN A 37 -16.66 8.37 -4.41
N ALA A 38 -16.88 7.18 -4.96
CA ALA A 38 -16.74 5.92 -4.24
C ALA A 38 -15.30 5.76 -3.75
N VAL A 39 -14.35 5.98 -4.62
CA VAL A 39 -12.92 5.86 -4.27
C VAL A 39 -12.45 7.04 -3.39
N CYS A 40 -12.93 8.25 -3.67
CA CYS A 40 -12.59 9.37 -2.82
C CYS A 40 -12.98 9.09 -1.37
N ILE A 41 -14.22 8.65 -1.15
CA ILE A 41 -14.69 8.35 0.19
C ILE A 41 -13.96 7.13 0.79
N PHE A 42 -13.73 6.09 0.00
CA PHE A 42 -12.98 4.93 0.54
C PHE A 42 -11.58 5.38 0.97
N TYR A 43 -10.94 6.20 0.16
CA TYR A 43 -9.59 6.67 0.49
C TYR A 43 -9.61 7.39 1.85
N LEU A 44 -10.57 8.30 2.04
CA LEU A 44 -10.68 9.06 3.30
C LEU A 44 -11.03 8.20 4.51
N VAL A 45 -11.94 7.24 4.30
CA VAL A 45 -12.31 6.30 5.36
C VAL A 45 -11.09 5.49 5.81
N LEU A 46 -10.29 5.03 4.84
CA LEU A 46 -9.05 4.30 5.12
C LEU A 46 -8.02 5.19 5.83
N ARG A 47 -7.93 6.45 5.41
CA ARG A 47 -7.06 7.42 6.12
C ARG A 47 -7.43 7.54 7.58
N ALA A 48 -8.72 7.67 7.88
CA ALA A 48 -9.20 7.73 9.26
C ALA A 48 -8.84 6.45 10.06
N LEU A 49 -9.13 5.28 9.48
CA LEU A 49 -8.79 4.01 10.14
C LEU A 49 -7.28 3.92 10.39
N ASP A 50 -6.48 4.24 9.37
CA ASP A 50 -5.00 4.19 9.52
C ASP A 50 -4.51 5.17 10.60
N THR A 51 -5.16 6.32 10.70
CA THR A 51 -4.75 7.33 11.69
C THR A 51 -4.99 6.79 13.11
N LEU A 52 -6.10 6.09 13.31
CA LEU A 52 -6.37 5.44 14.58
C LEU A 52 -5.33 4.35 14.83
N GLU A 53 -5.09 3.51 13.83
CA GLU A 53 -4.12 2.43 13.98
C GLU A 53 -2.72 2.95 14.35
N ASP A 54 -2.28 3.97 13.62
CA ASP A 54 -0.91 4.50 13.74
C ASP A 54 -0.65 5.27 15.04
N ASP A 55 -1.71 5.69 15.72
CA ASP A 55 -1.58 6.64 16.82
C ASP A 55 -1.13 5.98 18.11
N MET A 56 0.15 6.15 18.41
CA MET A 56 0.76 5.52 19.58
C MET A 56 0.27 6.16 20.90
N THR A 57 -0.44 7.28 20.80
CA THR A 57 -0.98 7.92 22.00
C THR A 57 -2.31 7.30 22.45
N ILE A 58 -2.90 6.43 21.62
CA ILE A 58 -4.17 5.79 21.94
C ILE A 58 -3.85 4.44 22.56
N SER A 59 -4.33 4.19 23.78
CA SER A 59 -3.98 2.95 24.49
C SER A 59 -4.56 1.75 23.73
N VAL A 60 -3.97 0.57 23.93
CA VAL A 60 -4.52 -0.65 23.35
C VAL A 60 -5.97 -0.86 23.82
N GLU A 61 -6.24 -0.67 25.11
CA GLU A 61 -7.60 -0.82 25.59
C GLU A 61 -8.61 0.12 24.89
N LYS A 62 -8.19 1.30 24.48
CA LYS A 62 -9.09 2.15 23.71
C LYS A 62 -9.08 1.77 22.21
N LYS A 63 -7.92 1.34 21.74
CA LYS A 63 -7.72 1.14 20.30
C LYS A 63 -8.45 -0.09 19.75
N VAL A 64 -8.53 -1.16 20.54
CA VAL A 64 -9.12 -2.40 20.06
C VAL A 64 -10.60 -2.22 19.67
N PRO A 65 -11.43 -1.65 20.57
CA PRO A 65 -12.82 -1.35 20.21
C PRO A 65 -12.95 -0.38 19.04
N LEU A 66 -12.11 0.65 19.00
CA LEU A 66 -12.10 1.56 17.87
C LEU A 66 -11.87 0.83 16.52
N LEU A 67 -10.84 0.01 16.47
CA LEU A 67 -10.53 -0.77 15.26
C LEU A 67 -11.66 -1.76 14.97
N HIS A 68 -12.13 -2.47 16.00
CA HIS A 68 -13.19 -3.46 15.78
C HIS A 68 -14.52 -2.84 15.29
N ASN A 69 -14.88 -1.69 15.87
CA ASN A 69 -16.17 -1.07 15.60
C ASN A 69 -16.16 -0.01 14.52
N PHE A 70 -15.01 0.26 13.92
CA PHE A 70 -14.90 1.33 12.94
C PHE A 70 -15.90 1.20 11.81
N HIS A 71 -16.10 -0.03 11.31
CA HIS A 71 -17.11 -0.25 10.25
C HIS A 71 -18.49 0.23 10.68
N SER A 72 -18.80 0.08 11.97
CA SER A 72 -20.11 0.57 12.44
C SER A 72 -20.19 2.09 12.47
N PHE A 73 -19.06 2.75 12.75
CA PHE A 73 -19.09 4.22 12.82
C PHE A 73 -19.53 4.88 11.51
N LEU A 74 -19.32 4.18 10.40
CA LEU A 74 -19.72 4.68 9.08
C LEU A 74 -21.21 5.00 9.08
N TYR A 75 -21.96 4.27 9.90
CA TYR A 75 -23.42 4.36 9.93
C TYR A 75 -23.94 5.22 11.09
N GLN A 76 -23.02 5.83 11.84
CA GLN A 76 -23.38 6.61 13.04
C GLN A 76 -23.12 8.09 12.74
N PRO A 77 -24.17 8.82 12.34
CA PRO A 77 -23.97 10.19 11.87
C PRO A 77 -23.17 11.10 12.77
N ASP A 78 -23.28 10.94 14.09
CA ASP A 78 -22.57 11.84 15.00
C ASP A 78 -21.14 11.38 15.38
N TRP A 79 -20.74 10.20 14.92
CA TRP A 79 -19.48 9.67 15.43
C TRP A 79 -18.31 10.52 14.95
N ARG A 80 -17.41 10.84 15.88
CA ARG A 80 -16.14 11.49 15.53
C ARG A 80 -15.12 11.07 16.58
N PHE A 81 -13.87 11.42 16.35
CA PHE A 81 -12.80 11.14 17.31
C PHE A 81 -11.92 12.38 17.45
N MET A 82 -11.88 12.91 18.67
CA MET A 82 -11.27 14.20 18.91
C MET A 82 -9.88 14.14 19.52
N GLU A 83 -9.43 12.93 19.86
CA GLU A 83 -8.24 12.77 20.69
C GLU A 83 -6.95 12.38 19.95
N SER A 84 -6.99 12.41 18.62
CA SER A 84 -5.83 12.01 17.83
C SER A 84 -4.75 13.09 17.80
N LYS A 85 -3.50 12.66 17.87
CA LYS A 85 -2.36 13.58 17.80
C LYS A 85 -1.65 13.54 16.45
N GLU A 86 -2.22 12.84 15.48
CA GLU A 86 -1.56 12.60 14.19
C GLU A 86 -1.78 13.73 13.18
N LYS A 87 -1.05 13.64 12.07
CA LYS A 87 -1.07 14.65 11.01
C LYS A 87 -2.40 14.77 10.25
N ASP A 88 -3.08 13.65 10.00
CA ASP A 88 -4.33 13.68 9.23
C ASP A 88 -5.57 13.66 10.13
N ARG A 89 -5.40 14.08 11.38
CA ARG A 89 -6.50 14.00 12.35
C ARG A 89 -7.79 14.74 11.94
N GLN A 90 -7.75 15.65 10.96
CA GLN A 90 -8.99 16.34 10.57
C GLN A 90 -10.04 15.35 10.06
N VAL A 91 -9.58 14.32 9.33
CA VAL A 91 -10.53 13.30 8.84
C VAL A 91 -11.26 12.59 10.00
N LEU A 92 -10.62 12.53 11.17
CA LEU A 92 -11.27 11.92 12.35
C LEU A 92 -12.15 12.91 13.11
N GLU A 93 -11.62 14.12 13.27
CA GLU A 93 -12.37 15.19 13.94
C GLU A 93 -13.62 15.60 13.15
N ASP A 94 -13.54 15.56 11.82
CA ASP A 94 -14.68 15.84 10.96
C ASP A 94 -15.19 14.56 10.29
N PHE A 95 -15.10 13.43 10.99
CA PHE A 95 -15.62 12.20 10.41
C PHE A 95 -17.11 12.25 9.99
N PRO A 96 -17.97 12.98 10.75
CA PRO A 96 -19.38 13.07 10.32
C PRO A 96 -19.58 13.54 8.88
N THR A 97 -18.69 14.40 8.39
CA THR A 97 -18.82 14.90 7.04
C THR A 97 -18.49 13.78 6.05
N ILE A 98 -17.50 12.96 6.40
CA ILE A 98 -17.05 11.85 5.54
C ILE A 98 -18.09 10.74 5.55
N SER A 99 -18.62 10.40 6.73
CA SER A 99 -19.59 9.34 6.83
C SER A 99 -20.92 9.75 6.18
N LEU A 100 -21.27 11.03 6.23
CA LEU A 100 -22.47 11.53 5.51
C LEU A 100 -22.34 11.16 4.02
N GLU A 101 -21.17 11.44 3.46
CA GLU A 101 -20.99 11.19 2.05
C GLU A 101 -20.88 9.70 1.73
N PHE A 102 -20.36 8.90 2.66
CA PHE A 102 -20.37 7.45 2.51
C PHE A 102 -21.85 7.01 2.43
N ARG A 103 -22.67 7.52 3.33
CA ARG A 103 -24.09 7.11 3.33
C ARG A 103 -24.88 7.56 2.08
N ASN A 104 -24.31 8.51 1.33
CA ASN A 104 -24.85 9.02 0.06
C ASN A 104 -24.46 8.20 -1.16
N LEU A 105 -23.43 7.36 -1.02
CA LEU A 105 -23.05 6.41 -2.08
C LEU A 105 -24.16 5.38 -2.29
N ALA A 106 -24.25 4.86 -3.51
CA ALA A 106 -25.14 3.72 -3.79
C ALA A 106 -24.78 2.62 -2.80
N GLU A 107 -25.77 1.85 -2.37
CA GLU A 107 -25.55 0.83 -1.36
C GLU A 107 -24.51 -0.21 -1.79
N LYS A 108 -24.41 -0.47 -3.09
CA LYS A 108 -23.45 -1.47 -3.56
C LYS A 108 -22.02 -1.04 -3.27
N TYR A 109 -21.80 0.28 -3.15
CA TYR A 109 -20.45 0.75 -2.77
C TYR A 109 -20.27 0.84 -1.25
N GLN A 110 -21.30 1.29 -0.56
CA GLN A 110 -21.20 1.35 0.90
C GLN A 110 -20.85 -0.02 1.46
N THR A 111 -21.51 -1.05 0.92
CA THR A 111 -21.40 -2.42 1.49
C THR A 111 -20.00 -3.01 1.30
N VAL A 112 -19.38 -2.69 0.15
CA VAL A 112 -17.97 -3.06 -0.08
C VAL A 112 -17.10 -2.42 1.01
N ILE A 113 -17.22 -1.10 1.14
CA ILE A 113 -16.36 -0.34 2.04
C ILE A 113 -16.50 -0.82 3.48
N ALA A 114 -17.75 -0.99 3.90
CA ALA A 114 -18.04 -1.37 5.29
C ALA A 114 -17.44 -2.75 5.60
N ASP A 115 -17.60 -3.72 4.69
CA ASP A 115 -17.08 -5.09 4.88
C ASP A 115 -15.56 -5.07 4.99
N ILE A 116 -14.94 -4.34 4.09
CA ILE A 116 -13.47 -4.20 4.10
C ILE A 116 -12.99 -3.58 5.39
N CYS A 117 -13.60 -2.46 5.82
CA CYS A 117 -13.25 -1.88 7.12
C CYS A 117 -13.41 -2.85 8.31
N ARG A 118 -14.46 -3.69 8.30
CA ARG A 118 -14.67 -4.61 9.42
C ARG A 118 -13.50 -5.59 9.45
N ARG A 119 -13.16 -6.11 8.28
CA ARG A 119 -12.11 -7.16 8.20
C ARG A 119 -10.73 -6.57 8.50
N MET A 120 -10.44 -5.39 7.95
CA MET A 120 -9.16 -4.72 8.24
C MET A 120 -9.00 -4.41 9.73
N GLY A 121 -10.08 -3.97 10.37
CA GLY A 121 -10.04 -3.66 11.82
C GLY A 121 -9.72 -4.85 12.71
N ILE A 122 -10.32 -5.99 12.40
CA ILE A 122 -10.02 -7.23 13.09
C ILE A 122 -8.50 -7.51 12.98
N GLY A 123 -7.98 -7.42 11.75
CA GLY A 123 -6.57 -7.76 11.52
C GLY A 123 -5.61 -6.77 12.20
N MET A 124 -5.97 -5.49 12.13
CA MET A 124 -5.11 -4.45 12.72
C MET A 124 -5.05 -4.66 14.22
N ALA A 125 -6.20 -4.96 14.82
CA ALA A 125 -6.25 -5.20 16.25
C ALA A 125 -5.37 -6.41 16.63
N GLU A 126 -5.37 -7.43 15.78
CA GLU A 126 -4.56 -8.64 16.01
C GLU A 126 -3.08 -8.29 16.13
N PHE A 127 -2.61 -7.33 15.33
CA PHE A 127 -1.18 -6.96 15.31
C PHE A 127 -0.71 -5.91 16.32
N LEU A 128 -1.61 -5.40 17.16
CA LEU A 128 -1.18 -4.47 18.20
C LEU A 128 -0.19 -5.07 19.22
N ASP A 129 -0.33 -6.35 19.56
CA ASP A 129 0.61 -6.89 20.57
C ASP A 129 1.60 -7.91 20.01
N LYS A 130 1.92 -7.79 18.72
CA LYS A 130 3.00 -8.57 18.13
C LYS A 130 3.76 -7.79 17.05
N HIS A 131 5.03 -8.13 16.86
CA HIS A 131 5.75 -7.66 15.69
C HIS A 131 5.59 -8.75 14.61
N VAL A 132 6.20 -8.57 13.46
CA VAL A 132 6.03 -9.53 12.37
C VAL A 132 7.17 -10.55 12.51
N THR A 133 6.81 -11.82 12.65
CA THR A 133 7.80 -12.91 12.75
C THR A 133 8.14 -13.50 11.37
N SER A 134 7.30 -14.41 10.88
CA SER A 134 7.56 -15.13 9.63
C SER A 134 7.24 -14.33 8.38
N GLU A 135 7.73 -14.82 7.25
CA GLU A 135 7.36 -14.21 5.99
C GLU A 135 5.85 -14.40 5.78
N GLN A 136 5.30 -15.46 6.35
CA GLN A 136 3.86 -15.73 6.23
C GLN A 136 3.08 -14.67 7.03
N GLU A 137 3.60 -14.33 8.21
CA GLU A 137 3.01 -13.28 9.06
C GLU A 137 3.14 -11.93 8.38
N TRP A 138 4.24 -11.72 7.64
CA TRP A 138 4.37 -10.48 6.88
C TRP A 138 3.26 -10.35 5.82
N ASP A 139 2.99 -11.43 5.10
CA ASP A 139 1.90 -11.44 4.13
C ASP A 139 0.54 -11.19 4.84
N LYS A 140 0.40 -11.71 6.05
CA LYS A 140 -0.87 -11.55 6.79
C LYS A 140 -1.05 -10.09 7.21
N TYR A 141 -0.03 -9.52 7.81
CA TYR A 141 0.00 -8.10 8.16
C TYR A 141 -0.30 -7.23 6.94
N CYS A 142 0.40 -7.47 5.82
CA CYS A 142 0.18 -6.65 4.61
C CYS A 142 -1.21 -6.86 4.06
N HIS A 143 -1.75 -8.09 4.16
CA HIS A 143 -3.16 -8.32 3.74
C HIS A 143 -4.05 -7.36 4.54
N TYR A 144 -3.84 -7.32 5.84
CA TYR A 144 -4.74 -6.54 6.66
C TYR A 144 -4.68 -5.06 6.37
N VAL A 145 -3.49 -4.50 6.09
CA VAL A 145 -3.37 -3.04 5.96
C VAL A 145 -3.37 -2.53 4.51
N ALA A 146 -3.15 -3.42 3.53
CA ALA A 146 -3.05 -3.03 2.13
C ALA A 146 -3.69 -4.00 1.13
N GLY A 147 -3.47 -5.31 1.29
CA GLY A 147 -4.11 -6.27 0.39
C GLY A 147 -5.63 -6.08 0.40
N LEU A 148 -6.23 -5.90 1.57
CA LEU A 148 -7.70 -5.71 1.63
C LEU A 148 -8.14 -4.39 0.96
N VAL A 149 -7.24 -3.42 0.93
CA VAL A 149 -7.54 -2.19 0.14
C VAL A 149 -7.64 -2.52 -1.36
N GLY A 150 -6.66 -3.28 -1.85
CA GLY A 150 -6.66 -3.77 -3.24
C GLY A 150 -7.95 -4.50 -3.55
N ILE A 151 -8.34 -5.42 -2.68
CA ILE A 151 -9.59 -6.19 -2.79
C ILE A 151 -10.81 -5.24 -2.81
N GLY A 152 -10.89 -4.30 -1.87
CA GLY A 152 -12.02 -3.38 -1.83
C GLY A 152 -12.18 -2.57 -3.10
N LEU A 153 -11.08 -1.98 -3.55
CA LEU A 153 -11.11 -1.15 -4.72
C LEU A 153 -11.57 -1.97 -5.91
N SER A 154 -11.10 -3.22 -6.00
CA SER A 154 -11.41 -4.06 -7.14
C SER A 154 -12.91 -4.32 -7.17
N ARG A 155 -13.46 -4.54 -5.98
CA ARG A 155 -14.94 -4.72 -5.91
C ARG A 155 -15.72 -3.47 -6.29
N LEU A 156 -15.21 -2.30 -5.96
CA LEU A 156 -15.86 -1.07 -6.44
C LEU A 156 -15.80 -1.01 -7.98
N PHE A 157 -14.67 -1.39 -8.57
CA PHE A 157 -14.55 -1.36 -10.04
C PHE A 157 -15.60 -2.27 -10.71
N SER A 158 -15.75 -3.51 -10.22
CA SER A 158 -16.71 -4.44 -10.81
C SER A 158 -18.15 -4.03 -10.46
N ALA A 159 -18.38 -3.57 -9.22
CA ALA A 159 -19.75 -3.19 -8.80
C ALA A 159 -20.29 -1.99 -9.60
N SER A 160 -19.39 -1.09 -10.00
CA SER A 160 -19.73 0.04 -10.84
C SER A 160 -19.97 -0.37 -12.32
N GLU A 161 -19.63 -1.61 -12.63
CA GLU A 161 -19.75 -2.19 -13.95
C GLU A 161 -18.76 -1.57 -14.96
N PHE A 162 -17.78 -0.80 -14.47
CA PHE A 162 -16.73 -0.30 -15.41
C PHE A 162 -15.70 -1.39 -15.74
N GLU A 163 -15.61 -2.40 -14.86
CA GLU A 163 -14.73 -3.57 -15.08
C GLU A 163 -15.48 -4.90 -14.91
N ASP A 164 -15.00 -5.93 -15.59
CA ASP A 164 -15.60 -7.28 -15.55
C ASP A 164 -15.65 -7.81 -14.11
N PRO A 165 -16.67 -8.64 -13.76
CA PRO A 165 -16.67 -9.20 -12.40
C PRO A 165 -15.40 -9.91 -11.94
N LEU A 166 -14.61 -10.52 -12.84
CA LEU A 166 -13.38 -11.19 -12.43
C LEU A 166 -12.48 -10.24 -11.61
N VAL A 167 -12.45 -8.97 -12.00
CA VAL A 167 -11.62 -7.97 -11.29
C VAL A 167 -11.95 -7.95 -9.79
N GLY A 168 -13.23 -7.79 -9.46
CA GLY A 168 -13.63 -7.85 -8.05
C GLY A 168 -13.46 -9.21 -7.38
N GLU A 169 -13.58 -10.30 -8.15
CA GLU A 169 -13.63 -11.66 -7.53
C GLU A 169 -12.25 -12.26 -7.26
N ASP A 170 -11.26 -11.93 -8.11
CA ASP A 170 -9.94 -12.51 -7.93
C ASP A 170 -9.22 -11.80 -6.79
N THR A 171 -9.51 -12.28 -5.56
CA THR A 171 -8.96 -11.67 -4.33
C THR A 171 -7.43 -11.77 -4.27
N GLU A 172 -6.88 -12.84 -4.87
CA GLU A 172 -5.44 -13.06 -4.75
C GLU A 172 -4.66 -12.05 -5.60
N ARG A 173 -5.14 -11.78 -6.81
CA ARG A 173 -4.45 -10.79 -7.67
C ARG A 173 -4.61 -9.39 -7.06
N ALA A 174 -5.82 -9.05 -6.60
CA ALA A 174 -6.02 -7.77 -5.93
C ALA A 174 -5.17 -7.65 -4.66
N ASN A 175 -5.07 -8.74 -3.91
CA ASN A 175 -4.24 -8.80 -2.70
C ASN A 175 -2.78 -8.47 -3.02
N SER A 176 -2.27 -9.06 -4.09
CA SER A 176 -0.88 -8.84 -4.53
C SER A 176 -0.58 -7.41 -4.93
N MET A 177 -1.58 -6.71 -5.47
CA MET A 177 -1.47 -5.26 -5.74
C MET A 177 -1.14 -4.49 -4.46
N GLY A 178 -1.88 -4.75 -3.39
CA GLY A 178 -1.57 -4.20 -2.08
C GLY A 178 -0.26 -4.63 -1.44
N LEU A 179 0.05 -5.92 -1.47
CA LEU A 179 1.27 -6.44 -0.85
C LEU A 179 2.49 -5.80 -1.52
N PHE A 180 2.42 -5.62 -2.83
CA PHE A 180 3.60 -5.11 -3.55
C PHE A 180 3.91 -3.71 -3.03
N LEU A 181 2.87 -2.88 -2.98
CA LEU A 181 3.03 -1.51 -2.53
C LEU A 181 3.47 -1.45 -1.08
N GLN A 182 2.81 -2.23 -0.22
CA GLN A 182 3.11 -2.16 1.19
C GLN A 182 4.54 -2.62 1.52
N LYS A 183 4.97 -3.74 0.92
CA LYS A 183 6.30 -4.23 1.17
C LYS A 183 7.34 -3.26 0.67
N THR A 184 7.07 -2.60 -0.45
CA THR A 184 8.02 -1.62 -1.04
C THR A 184 8.17 -0.48 -0.03
N ASN A 185 7.04 0.02 0.50
CA ASN A 185 7.09 1.06 1.52
C ASN A 185 7.84 0.57 2.79
N ILE A 186 7.47 -0.61 3.29
CA ILE A 186 8.11 -1.12 4.51
C ILE A 186 9.64 -1.22 4.34
N ILE A 187 10.06 -1.75 3.20
CA ILE A 187 11.49 -1.86 2.88
C ILE A 187 12.17 -0.48 2.85
N ARG A 188 11.62 0.45 2.09
CA ARG A 188 12.23 1.75 1.91
C ARG A 188 12.29 2.55 3.21
N ASP A 189 11.26 2.37 4.04
CA ASP A 189 11.09 3.12 5.30
C ASP A 189 11.79 2.55 6.54
N TYR A 190 12.72 1.61 6.35
CA TYR A 190 13.40 1.00 7.51
C TYR A 190 13.76 2.06 8.58
N LEU A 191 14.50 3.09 8.18
CA LEU A 191 15.16 3.95 9.16
C LEU A 191 14.17 4.83 9.89
N GLU A 192 13.27 5.47 9.15
CA GLU A 192 12.25 6.32 9.72
C GLU A 192 11.36 5.52 10.67
N ASP A 193 11.02 4.29 10.31
CA ASP A 193 10.29 3.43 11.23
C ASP A 193 11.11 3.10 12.50
N GLN A 194 12.37 2.72 12.31
CA GLN A 194 13.26 2.44 13.44
C GLN A 194 13.25 3.61 14.41
N GLN A 195 13.43 4.81 13.87
CA GLN A 195 13.50 6.03 14.67
C GLN A 195 12.17 6.36 15.33
N GLY A 196 11.09 5.83 14.76
CA GLY A 196 9.74 6.07 15.27
C GLY A 196 9.32 4.98 16.25
N GLY A 197 10.20 4.02 16.49
CA GLY A 197 9.89 2.90 17.36
C GLY A 197 9.03 1.83 16.70
N ARG A 198 8.98 1.83 15.36
CA ARG A 198 8.15 0.88 14.62
C ARG A 198 9.02 -0.16 13.91
N GLU A 199 8.62 -1.42 14.03
CA GLU A 199 9.36 -2.51 13.45
C GLU A 199 8.46 -3.38 12.59
N PHE A 200 8.64 -3.30 11.27
CA PHE A 200 7.85 -4.11 10.35
C PHE A 200 8.60 -5.15 9.53
N TRP A 201 9.93 -5.06 9.46
CA TRP A 201 10.68 -6.09 8.74
C TRP A 201 10.48 -7.44 9.43
N PRO A 202 10.29 -8.55 8.66
CA PRO A 202 10.03 -9.83 9.31
C PRO A 202 11.23 -10.37 10.09
N GLN A 203 10.99 -10.62 11.39
CA GLN A 203 11.96 -11.17 12.33
C GLN A 203 12.63 -12.45 11.82
N GLU A 204 11.87 -13.35 11.18
CA GLU A 204 12.42 -14.59 10.58
C GLU A 204 13.57 -14.29 9.60
N VAL A 205 13.47 -13.16 8.88
CA VAL A 205 14.49 -12.76 7.91
C VAL A 205 15.62 -11.97 8.59
N TRP A 206 15.31 -10.89 9.32
CA TRP A 206 16.40 -10.05 9.83
C TRP A 206 17.23 -10.77 10.89
N SER A 207 16.61 -11.68 11.63
CA SER A 207 17.32 -12.35 12.73
C SER A 207 18.37 -13.33 12.20
N ARG A 208 18.33 -13.62 10.90
CA ARG A 208 19.40 -14.40 10.28
C ARG A 208 20.69 -13.59 10.01
N TYR A 209 20.60 -12.26 10.16
CA TYR A 209 21.73 -11.34 9.97
C TYR A 209 22.21 -10.67 11.28
N VAL A 210 21.29 -10.15 12.08
CA VAL A 210 21.66 -9.45 13.30
C VAL A 210 20.80 -9.84 14.49
N LYS A 211 21.22 -9.43 15.69
CA LYS A 211 20.54 -9.78 16.93
C LYS A 211 19.27 -8.98 17.17
N LYS A 212 19.29 -7.70 16.80
CA LYS A 212 18.12 -6.81 16.92
C LYS A 212 17.94 -6.07 15.60
N LEU A 213 16.71 -5.72 15.23
CA LEU A 213 16.52 -5.08 13.91
C LEU A 213 17.22 -3.71 13.83
N GLY A 214 17.29 -3.01 14.96
CA GLY A 214 17.92 -1.69 15.01
C GLY A 214 19.42 -1.75 14.75
N ASP A 215 20.00 -2.94 14.84
CA ASP A 215 21.46 -3.11 14.53
C ASP A 215 21.85 -2.72 13.11
N PHE A 216 20.89 -2.75 12.19
CA PHE A 216 21.15 -2.38 10.77
C PHE A 216 21.46 -0.89 10.60
N ALA A 217 21.17 -0.08 11.63
CA ALA A 217 21.47 1.35 11.61
C ALA A 217 22.92 1.64 11.96
N LYS A 218 23.62 0.64 12.51
CA LYS A 218 25.01 0.75 12.96
C LYS A 218 25.97 0.45 11.83
N PRO A 219 27.03 1.27 11.71
CA PRO A 219 27.91 1.21 10.55
C PRO A 219 28.60 -0.12 10.35
N GLU A 220 28.91 -0.80 11.45
CA GLU A 220 29.59 -2.07 11.37
C GLU A 220 28.78 -3.21 10.74
N ASN A 221 27.44 -3.04 10.68
CA ASN A 221 26.56 -4.07 10.12
C ASN A 221 26.02 -3.77 8.71
N ILE A 222 26.60 -2.78 8.04
CA ILE A 222 26.03 -2.32 6.78
C ILE A 222 26.04 -3.42 5.70
N ASP A 223 27.04 -4.30 5.70
CA ASP A 223 27.05 -5.39 4.72
C ASP A 223 25.87 -6.33 4.97
N LEU A 224 25.67 -6.65 6.23
CA LEU A 224 24.58 -7.55 6.62
C LEU A 224 23.23 -6.91 6.35
N ALA A 225 23.14 -5.60 6.58
CA ALA A 225 21.89 -4.85 6.38
C ALA A 225 21.52 -4.88 4.91
N VAL A 226 22.49 -4.62 4.03
CA VAL A 226 22.21 -4.62 2.60
C VAL A 226 21.84 -6.02 2.11
N GLN A 227 22.43 -7.08 2.67
CA GLN A 227 22.03 -8.44 2.28
C GLN A 227 20.57 -8.71 2.66
N CYS A 228 20.21 -8.29 3.86
CA CYS A 228 18.82 -8.43 4.31
C CYS A 228 17.86 -7.63 3.41
N LEU A 229 18.22 -6.37 3.15
CA LEU A 229 17.47 -5.54 2.17
C LEU A 229 17.25 -6.27 0.85
N ASN A 230 18.32 -6.85 0.28
CA ASN A 230 18.22 -7.54 -0.99
C ASN A 230 17.28 -8.76 -0.92
N GLU A 231 17.33 -9.45 0.21
CA GLU A 231 16.49 -10.61 0.42
C GLU A 231 15.03 -10.15 0.45
N LEU A 232 14.74 -9.10 1.19
CA LEU A 232 13.32 -8.62 1.29
C LEU A 232 12.84 -8.11 -0.07
N ILE A 233 13.70 -7.38 -0.78
CA ILE A 233 13.32 -6.92 -2.11
C ILE A 233 12.98 -8.11 -3.01
N THR A 234 13.76 -9.19 -2.91
CA THR A 234 13.54 -10.34 -3.79
C THR A 234 12.17 -10.95 -3.48
N ASN A 235 11.83 -10.91 -2.21
CA ASN A 235 10.50 -11.35 -1.74
C ASN A 235 9.40 -10.52 -2.39
N ALA A 236 9.49 -9.19 -2.30
CA ALA A 236 8.45 -8.33 -2.88
C ALA A 236 8.30 -8.56 -4.39
N LEU A 237 9.42 -8.82 -5.07
CA LEU A 237 9.37 -9.01 -6.53
C LEU A 237 8.44 -10.17 -6.94
N HIS A 238 8.23 -11.11 -6.02
CA HIS A 238 7.37 -12.25 -6.28
C HIS A 238 5.93 -11.87 -6.62
N HIS A 239 5.53 -10.68 -6.23
CA HIS A 239 4.17 -10.22 -6.53
C HIS A 239 4.01 -9.67 -7.94
N ILE A 240 5.11 -9.38 -8.62
CA ILE A 240 5.01 -8.78 -9.93
C ILE A 240 4.18 -9.57 -10.95
N PRO A 241 4.37 -10.89 -11.05
CA PRO A 241 3.51 -11.63 -12.00
C PRO A 241 2.01 -11.36 -11.76
N ASP A 242 1.59 -11.34 -10.49
CA ASP A 242 0.17 -11.06 -10.19
C ASP A 242 -0.21 -9.60 -10.56
N VAL A 243 0.70 -8.66 -10.34
CA VAL A 243 0.48 -7.27 -10.70
C VAL A 243 0.26 -7.15 -12.22
N ILE A 244 1.14 -7.78 -13.00
CA ILE A 244 0.96 -7.84 -14.48
C ILE A 244 -0.42 -8.42 -14.85
N THR A 245 -0.77 -9.56 -14.26
CA THR A 245 -2.06 -10.21 -14.54
C THR A 245 -3.23 -9.26 -14.21
N TYR A 246 -3.18 -8.65 -13.02
CA TYR A 246 -4.23 -7.73 -12.58
C TYR A 246 -4.43 -6.56 -13.56
N LEU A 247 -3.33 -5.87 -13.85
CA LEU A 247 -3.38 -4.73 -14.72
C LEU A 247 -3.84 -5.08 -16.14
N SER A 248 -3.54 -6.29 -16.58
CA SER A 248 -3.84 -6.70 -17.98
C SER A 248 -5.32 -6.93 -18.23
N ARG A 249 -6.09 -7.04 -17.15
CA ARG A 249 -7.52 -7.33 -17.25
C ARG A 249 -8.34 -6.06 -17.29
N LEU A 250 -7.70 -4.92 -17.01
CA LEU A 250 -8.43 -3.68 -16.85
C LEU A 250 -8.75 -3.10 -18.21
N ARG A 251 -10.03 -2.77 -18.42
CA ARG A 251 -10.50 -2.22 -19.70
C ARG A 251 -10.88 -0.73 -19.64
N ASN A 252 -11.04 -0.19 -18.44
CA ASN A 252 -11.39 1.22 -18.32
C ASN A 252 -10.11 2.02 -18.15
N GLN A 253 -9.92 3.02 -19.01
CA GLN A 253 -8.67 3.79 -18.97
C GLN A 253 -8.41 4.46 -17.63
N SER A 254 -9.41 5.11 -17.06
CA SER A 254 -9.21 5.84 -15.79
C SER A 254 -8.87 4.88 -14.64
N VAL A 255 -9.50 3.70 -14.64
CA VAL A 255 -9.14 2.64 -13.67
C VAL A 255 -7.73 2.16 -13.88
N PHE A 256 -7.36 1.89 -15.14
CA PHE A 256 -6.01 1.47 -15.48
C PHE A 256 -4.97 2.41 -14.93
N ASN A 257 -5.15 3.72 -15.16
CA ASN A 257 -4.17 4.73 -14.76
C ASN A 257 -4.06 4.76 -13.25
N PHE A 258 -5.22 4.72 -12.59
CA PHE A 258 -5.27 4.71 -11.11
C PHE A 258 -4.51 3.52 -10.54
N CYS A 259 -4.71 2.34 -11.15
CA CYS A 259 -4.06 1.13 -10.66
C CYS A 259 -2.57 1.03 -10.98
N ALA A 260 -2.21 1.50 -12.16
CA ALA A 260 -0.86 1.32 -12.71
C ALA A 260 0.14 2.28 -12.09
N ILE A 261 -0.30 3.51 -11.84
CA ILE A 261 0.59 4.55 -11.30
C ILE A 261 1.39 4.11 -10.05
N PRO A 262 0.72 3.62 -9.00
CA PRO A 262 1.48 3.19 -7.82
C PRO A 262 2.42 2.04 -8.12
N GLN A 263 2.01 1.15 -9.03
CA GLN A 263 2.78 -0.07 -9.28
C GLN A 263 4.11 0.29 -9.91
N VAL A 264 4.07 1.19 -10.88
CA VAL A 264 5.32 1.55 -11.60
C VAL A 264 6.23 2.40 -10.70
N MET A 265 5.63 3.22 -9.82
CA MET A 265 6.43 3.94 -8.86
C MET A 265 7.08 3.04 -7.80
N ALA A 266 6.38 2.00 -7.34
CA ALA A 266 7.04 1.02 -6.47
C ALA A 266 8.18 0.27 -7.18
N ILE A 267 7.94 -0.14 -8.41
CA ILE A 267 8.98 -0.79 -9.23
C ILE A 267 10.27 0.05 -9.23
N ALA A 268 10.13 1.31 -9.60
CA ALA A 268 11.25 2.26 -9.65
C ALA A 268 11.88 2.41 -8.25
N THR A 269 11.05 2.39 -7.20
CA THR A 269 11.56 2.58 -5.83
C THR A 269 12.37 1.34 -5.38
N LEU A 270 11.88 0.12 -5.67
CA LEU A 270 12.65 -1.10 -5.40
C LEU A 270 13.98 -1.08 -6.16
N ALA A 271 13.94 -0.62 -7.41
CA ALA A 271 15.18 -0.53 -8.20
C ALA A 271 16.16 0.43 -7.54
N ALA A 272 15.66 1.59 -7.07
CA ALA A 272 16.49 2.57 -6.37
C ALA A 272 17.10 2.05 -5.07
N CYS A 273 16.33 1.18 -4.37
CA CYS A 273 16.75 0.63 -3.08
C CYS A 273 17.63 -0.59 -3.18
N TYR A 274 17.62 -1.28 -4.32
CA TYR A 274 18.33 -2.56 -4.43
C TYR A 274 19.83 -2.39 -4.22
N ASN A 275 20.39 -3.17 -3.29
CA ASN A 275 21.82 -3.12 -2.93
C ASN A 275 22.33 -1.75 -2.47
N ASN A 276 21.42 -0.92 -1.96
CA ASN A 276 21.70 0.47 -1.69
C ASN A 276 21.90 0.71 -0.19
N GLN A 277 23.14 1.02 0.17
CA GLN A 277 23.45 1.32 1.56
C GLN A 277 22.68 2.52 2.12
N GLN A 278 22.28 3.45 1.27
CA GLN A 278 21.55 4.66 1.74
C GLN A 278 20.22 4.34 2.43
N VAL A 279 19.64 3.19 2.12
CA VAL A 279 18.42 2.76 2.81
C VAL A 279 18.62 2.81 4.34
N PHE A 280 19.85 2.58 4.80
CA PHE A 280 20.16 2.56 6.24
C PHE A 280 20.66 3.88 6.82
N LYS A 281 20.65 4.92 5.99
CA LYS A 281 21.12 6.25 6.37
C LYS A 281 20.06 7.32 6.18
N GLY A 282 18.99 6.98 5.46
CA GLY A 282 17.97 7.96 5.16
C GLY A 282 16.87 7.41 4.27
N ALA A 283 16.04 8.34 3.76
CA ALA A 283 14.94 8.00 2.87
C ALA A 283 15.36 8.07 1.39
N VAL A 284 15.46 6.91 0.77
CA VAL A 284 15.69 6.79 -0.66
C VAL A 284 14.37 7.05 -1.39
N LYS A 285 14.35 8.05 -2.25
CA LYS A 285 13.13 8.38 -2.99
C LYS A 285 13.45 8.50 -4.46
N ILE A 286 12.54 8.09 -5.34
CA ILE A 286 12.72 8.42 -6.77
C ILE A 286 12.53 9.94 -6.94
N ARG A 287 13.16 10.53 -7.97
CA ARG A 287 13.10 11.98 -8.20
C ARG A 287 11.72 12.34 -8.70
N LYS A 288 11.28 13.53 -8.34
CA LYS A 288 9.97 14.00 -8.76
C LYS A 288 9.78 13.98 -10.28
N GLY A 289 10.77 14.46 -11.05
CA GLY A 289 10.67 14.42 -12.52
C GLY A 289 10.57 13.00 -13.06
N GLN A 290 11.27 12.06 -12.40
CA GLN A 290 11.20 10.63 -12.73
C GLN A 290 9.78 10.09 -12.44
N ALA A 291 9.23 10.49 -11.30
CA ALA A 291 7.86 10.05 -10.96
C ALA A 291 6.82 10.63 -11.93
N VAL A 292 6.96 11.91 -12.27
CA VAL A 292 6.04 12.50 -13.24
C VAL A 292 6.03 11.75 -14.59
N THR A 293 7.21 11.41 -15.13
CA THR A 293 7.29 10.69 -16.38
C THR A 293 6.67 9.29 -16.29
N LEU A 294 6.98 8.60 -15.19
CA LEU A 294 6.40 7.30 -14.93
C LEU A 294 4.87 7.39 -14.93
N MET A 295 4.33 8.38 -14.21
CA MET A 295 2.88 8.58 -14.14
C MET A 295 2.28 8.86 -15.52
N MET A 296 2.94 9.70 -16.31
CA MET A 296 2.42 9.97 -17.64
C MET A 296 2.49 8.78 -18.58
N ASP A 297 3.50 7.93 -18.41
CA ASP A 297 3.76 6.83 -19.31
C ASP A 297 2.87 5.60 -19.07
N ALA A 298 2.38 5.47 -17.84
CA ALA A 298 1.76 4.25 -17.36
C ALA A 298 0.27 4.22 -17.73
N THR A 299 0.00 4.10 -19.03
CA THR A 299 -1.39 4.20 -19.52
C THR A 299 -1.83 3.02 -20.39
N ASN A 300 -0.94 2.06 -20.61
CA ASN A 300 -1.29 0.85 -21.35
C ASN A 300 -0.34 -0.26 -20.98
N MET A 301 -0.76 -1.50 -21.25
CA MET A 301 0.07 -2.63 -20.85
C MET A 301 1.46 -2.69 -21.47
N PRO A 302 1.57 -2.49 -22.81
CA PRO A 302 2.93 -2.52 -23.37
C PRO A 302 3.88 -1.56 -22.63
N ALA A 303 3.41 -0.36 -22.34
CA ALA A 303 4.17 0.68 -21.66
C ALA A 303 4.56 0.30 -20.24
N VAL A 304 3.60 -0.28 -19.52
CA VAL A 304 3.86 -0.71 -18.15
C VAL A 304 4.81 -1.90 -18.12
N LYS A 305 4.61 -2.86 -19.01
CA LYS A 305 5.54 -3.99 -19.07
C LYS A 305 6.96 -3.55 -19.40
N ALA A 306 7.10 -2.64 -20.35
CA ALA A 306 8.41 -2.05 -20.72
C ALA A 306 9.13 -1.45 -19.51
N ILE A 307 8.38 -0.70 -18.70
CA ILE A 307 8.91 -0.10 -17.46
C ILE A 307 9.36 -1.17 -16.49
N ILE A 308 8.47 -2.11 -16.20
CA ILE A 308 8.84 -3.21 -15.32
C ILE A 308 10.11 -3.88 -15.85
N TYR A 309 10.15 -4.19 -17.14
CA TYR A 309 11.29 -4.92 -17.71
C TYR A 309 12.60 -4.14 -17.56
N GLN A 310 12.58 -2.84 -17.83
CA GLN A 310 13.81 -2.01 -17.76
C GLN A 310 14.34 -1.88 -16.32
N TYR A 311 13.43 -1.75 -15.36
CA TYR A 311 13.89 -1.70 -13.96
C TYR A 311 14.32 -3.07 -13.44
N MET A 312 13.61 -4.14 -13.84
CA MET A 312 14.06 -5.47 -13.45
C MET A 312 15.45 -5.75 -14.02
N GLU A 313 15.69 -5.35 -15.28
CA GLU A 313 17.00 -5.56 -15.92
C GLU A 313 18.09 -4.81 -15.16
N GLU A 314 17.75 -3.61 -14.71
CA GLU A 314 18.67 -2.80 -13.94
C GLU A 314 19.08 -3.51 -12.66
N ILE A 315 18.11 -4.03 -11.91
CA ILE A 315 18.40 -4.82 -10.71
C ILE A 315 19.22 -6.06 -11.06
N TYR A 316 18.83 -6.72 -12.15
CA TYR A 316 19.47 -7.97 -12.58
C TYR A 316 20.96 -7.77 -12.73
N HIS A 317 21.33 -6.67 -13.38
CA HIS A 317 22.75 -6.40 -13.64
C HIS A 317 23.53 -5.88 -12.44
N ARG A 318 22.82 -5.49 -11.37
CA ARG A 318 23.44 -5.03 -10.12
C ARG A 318 23.62 -6.12 -9.05
N ILE A 319 23.15 -7.33 -9.33
CA ILE A 319 23.15 -8.38 -8.32
C ILE A 319 24.61 -8.75 -8.06
N PRO A 320 25.08 -8.55 -6.82
CA PRO A 320 26.43 -8.98 -6.42
C PRO A 320 26.48 -10.52 -6.42
N ASP A 321 27.51 -11.09 -7.04
CA ASP A 321 27.65 -12.55 -7.09
C ASP A 321 27.59 -13.20 -5.73
N SER A 322 28.19 -12.56 -4.74
CA SER A 322 28.24 -13.06 -3.38
C SER A 322 26.97 -12.80 -2.58
N ASP A 323 25.97 -12.14 -3.17
CA ASP A 323 24.75 -11.87 -2.42
C ASP A 323 24.06 -13.19 -2.08
N PRO A 324 23.68 -13.41 -0.81
CA PRO A 324 23.07 -14.66 -0.36
C PRO A 324 21.79 -15.02 -1.13
N SER A 325 21.12 -14.01 -1.66
CA SER A 325 19.85 -14.19 -2.38
C SER A 325 20.04 -14.18 -3.91
N SER A 326 21.30 -14.18 -4.36
CA SER A 326 21.59 -13.92 -5.77
C SER A 326 20.81 -14.84 -6.72
N SER A 327 20.82 -16.14 -6.48
CA SER A 327 20.09 -17.06 -7.36
C SER A 327 18.58 -16.84 -7.31
N LYS A 328 18.05 -16.55 -6.12
CA LYS A 328 16.60 -16.25 -5.96
C LYS A 328 16.17 -15.00 -6.72
N THR A 329 17.00 -13.96 -6.68
CA THR A 329 16.70 -12.72 -7.38
C THR A 329 16.71 -12.93 -8.90
N ARG A 330 17.66 -13.74 -9.39
CA ARG A 330 17.77 -13.99 -10.82
C ARG A 330 16.56 -14.78 -11.32
N GLN A 331 16.17 -15.78 -10.54
CA GLN A 331 15.04 -16.64 -10.90
C GLN A 331 13.74 -15.85 -10.99
N ILE A 332 13.42 -15.04 -9.98
CA ILE A 332 12.14 -14.28 -10.06
C ILE A 332 12.17 -13.29 -11.22
N ILE A 333 13.33 -12.67 -11.46
CA ILE A 333 13.44 -11.74 -12.56
C ILE A 333 13.24 -12.48 -13.90
N SER A 334 13.81 -13.68 -14.01
CA SER A 334 13.67 -14.51 -15.20
C SER A 334 12.20 -14.89 -15.44
N THR A 335 11.50 -15.26 -14.38
CA THR A 335 10.08 -15.62 -14.47
C THR A 335 9.24 -14.46 -15.03
N ILE A 336 9.44 -13.29 -14.45
CA ILE A 336 8.72 -12.09 -14.87
C ILE A 336 8.95 -11.81 -16.36
N ARG A 337 10.21 -11.90 -16.79
CA ARG A 337 10.56 -11.46 -18.14
C ARG A 337 9.99 -12.39 -19.22
N THR A 338 9.69 -13.63 -18.83
CA THR A 338 9.31 -14.69 -19.76
C THR A 338 7.81 -14.95 -19.85
N GLN A 339 7.04 -14.44 -18.90
CA GLN A 339 5.60 -14.66 -18.89
C GLN A 339 4.90 -13.76 -19.90
N ASN A 340 5.37 -12.53 -20.00
CA ASN A 340 4.85 -11.57 -20.97
C ASN A 340 5.81 -11.41 -22.15
P PO4 B . -9.77 -11.76 5.92
O1 PO4 B . -11.24 -11.48 6.26
O2 PO4 B . -9.31 -13.12 6.37
O3 PO4 B . -9.59 -11.63 4.40
O4 PO4 B . -8.98 -10.69 6.68
C37 D3A C . -3.61 -1.71 -3.49
O36 D3A C . -4.50 -0.57 -3.48
C21 D3A C . -4.59 0.21 -4.61
C20 D3A C . -5.19 -0.25 -5.81
O34 D3A C . -5.71 -1.54 -5.76
C35 D3A C . -6.42 -2.11 -6.88
C19 D3A C . -5.29 0.61 -6.92
C18 D3A C . -4.77 1.90 -6.87
C17 D3A C . -4.16 2.34 -5.70
C8 D3A C . -4.07 1.49 -4.59
C7 D3A C . -3.37 2.03 -3.33
C1 D3A C . -4.26 2.65 -2.26
O6 D3A C . -2.32 2.99 -3.66
C5 D3A C . -1.58 3.65 -2.61
C4 D3A C . -1.41 2.73 -1.37
C10 D3A C . -0.27 2.12 -0.84
C11 D3A C . -0.67 1.38 0.24
C12 D3A C . -2.06 1.51 0.39
N3 D3A C . -2.55 2.34 -0.63
C2 D3A C . -3.77 2.78 -0.92
C13 D3A C . -4.66 3.35 0.03
C14 D3A C . -5.91 3.77 -0.36
C15 D3A C . -6.37 3.64 -1.66
C16 D3A C . -5.56 3.09 -2.63
CL1 D3A C . -7.97 4.21 -2.07
C9 D3A C . -0.36 4.26 -3.35
C22 D3A C . -0.03 5.68 -2.86
O24 D3A C . -0.73 6.15 -1.93
N23 D3A C . 0.99 6.38 -3.41
C25 D3A C . 1.15 7.85 -3.09
C26 D3A C . 1.02 8.74 -4.34
C27 D3A C . 1.67 8.16 -5.65
C28 D3A C . 1.40 6.65 -5.86
C29 D3A C . 1.72 5.83 -4.61
C30 D3A C . 1.27 8.98 -6.90
C31 D3A C . 1.69 10.43 -6.86
O32 D3A C . 2.85 10.69 -6.47
O33 D3A C . 0.87 11.30 -7.23
#